data_7OA1
#
_entry.id   7OA1
#
_cell.length_a   103.500
_cell.length_b   103.500
_cell.length_c   133.290
_cell.angle_alpha   90.000
_cell.angle_beta   90.000
_cell.angle_gamma   120.000
#
_symmetry.space_group_name_H-M   'P 32 2 1'
#
loop_
_entity.id
_entity.type
_entity.pdbx_description
1 polymer 'Carbonic anhydrase'
2 branched 2-acetamido-2-deoxy-beta-D-glucopyranose-(1-4)-2-acetamido-2-deoxy-beta-D-glucopyranose
3 non-polymer 'ZINC ION'
4 non-polymer 2-acetamido-2-deoxy-beta-D-glucopyranose
5 non-polymer 1-(4-iodophenyl)-3-[2-(4-sulfamoylphenyl)ethyl]urea
6 non-polymer GLYCEROL
7 water water
#
_entity_poly.entity_id   1
_entity_poly.type   'polypeptide(L)'
_entity_poly.pdbx_seq_one_letter_code
;DAAQPARRANGSEWSYTNILTGPETWHEHYKNMCSGYYQSPIDLKTDISTLDLKLKTVIIYRNTSSTETTTIQNNGHSAE
VKFPRNTWFISFDGILDYKYEIIQMHFHWGNTDDRGSEHTIDGFRFPLEGHIVSFRRQMYSSPSEAIGRPGGLAVLGIMH
QIVESIKYEQTAFKAYNNFSGVLNSQFVPPNNSTIDDINLALLLSLLNPSRYFRYLGSLTTPPCTENVLWTVFIDPVLIT
REQINLFRNLPYGSNEKQTRMGDNFRPIQLLNPIDTLASRTLYRATARGGPEQKLISEEDLNSAVDHHHHHH
;
_entity_poly.pdbx_strand_id   AAA,BBB
#
loop_
_chem_comp.id
_chem_comp.type
_chem_comp.name
_chem_comp.formula
GOL non-polymer GLYCEROL 'C3 H8 O3'
NAG D-saccharide, beta linking 2-acetamido-2-deoxy-beta-D-glucopyranose 'C8 H15 N O6'
TKQ non-polymer 1-(4-iodophenyl)-3-[2-(4-sulfamoylphenyl)ethyl]urea 'C15 H16 I N3 O3 S'
ZN non-polymer 'ZINC ION' 'Zn 2'
#
# COMPACT_ATOMS: atom_id res chain seq x y z
N GLU A 13 3.20 38.14 9.11
CA GLU A 13 3.35 37.42 7.82
C GLU A 13 4.35 36.26 7.97
N TRP A 14 4.16 35.19 7.21
CA TRP A 14 5.11 34.05 7.28
C TRP A 14 5.33 33.52 5.89
N SER A 15 6.41 32.77 5.72
CA SER A 15 6.72 32.12 4.45
C SER A 15 7.48 30.86 4.73
N TYR A 16 7.73 30.11 3.66
CA TYR A 16 8.71 29.02 3.68
C TYR A 16 10.11 29.49 3.21
N THR A 17 10.19 30.35 2.20
CA THR A 17 11.46 30.55 1.43
C THR A 17 12.05 31.95 1.65
N ASN A 18 11.32 32.87 2.27
CA ASN A 18 11.88 34.21 2.60
C ASN A 18 12.49 34.14 3.98
N ILE A 19 13.83 34.24 4.07
CA ILE A 19 14.61 34.02 5.32
C ILE A 19 14.14 34.98 6.43
N LEU A 20 13.54 36.12 6.06
CA LEU A 20 13.02 37.14 7.03
C LEU A 20 11.79 36.60 7.76
N THR A 21 10.98 35.78 7.10
CA THR A 21 9.66 35.36 7.64
C THR A 21 9.53 33.82 7.64
N GLY A 22 10.63 33.12 7.44
CA GLY A 22 10.63 31.67 7.17
C GLY A 22 10.60 30.90 8.48
N PRO A 23 10.61 29.56 8.38
CA PRO A 23 10.30 28.72 9.54
C PRO A 23 11.20 28.91 10.76
N GLU A 24 12.47 29.31 10.55
CA GLU A 24 13.43 29.57 11.66
C GLU A 24 12.97 30.77 12.49
N THR A 25 12.07 31.59 12.00
CA THR A 25 11.62 32.80 12.71
C THR A 25 10.28 32.57 13.40
N TRP A 26 9.51 31.52 13.04
CA TRP A 26 8.12 31.36 13.57
C TRP A 26 8.07 31.37 15.10
N HIS A 27 9.07 30.78 15.77
CA HIS A 27 9.15 30.68 17.24
C HIS A 27 9.15 32.07 17.87
N GLU A 28 9.66 33.07 17.15
CA GLU A 28 9.73 34.49 17.58
C GLU A 28 8.46 35.23 17.11
N HIS A 29 8.00 35.04 15.88
CA HIS A 29 6.87 35.85 15.36
C HIS A 29 5.53 35.31 15.87
N TYR A 30 5.43 34.01 16.22
CA TYR A 30 4.18 33.37 16.65
C TYR A 30 4.51 32.48 17.85
N LYS A 31 4.91 33.08 18.97
CA LYS A 31 5.44 32.27 20.10
C LYS A 31 4.29 31.36 20.61
N ASN A 32 3.04 31.86 20.55
CA ASN A 32 1.80 31.09 20.76
C ASN A 32 1.40 30.54 19.40
N MET A 33 1.86 29.32 19.06
CA MET A 33 2.46 28.29 19.89
C MET A 33 3.69 27.71 19.18
N CYS A 34 4.23 28.44 18.19
CA CYS A 34 5.42 27.96 17.44
C CYS A 34 6.64 27.88 18.32
N SER A 35 6.61 28.42 19.56
CA SER A 35 7.70 28.27 20.57
C SER A 35 7.43 27.07 21.46
N GLY A 36 6.40 26.25 21.19
CA GLY A 36 6.07 25.14 22.08
C GLY A 36 7.02 23.95 22.04
N TYR A 37 6.78 22.95 22.87
CA TYR A 37 7.58 21.71 22.89
C TYR A 37 6.73 20.50 22.44
N TYR A 38 5.55 20.72 21.85
CA TYR A 38 4.75 19.61 21.24
C TYR A 38 4.53 19.97 19.78
N GLN A 39 5.61 20.27 19.07
CA GLN A 39 5.51 20.78 17.68
C GLN A 39 5.61 19.60 16.69
N SER A 40 5.11 19.84 15.49
CA SER A 40 5.10 18.92 14.34
C SER A 40 5.65 19.70 13.15
N PRO A 41 6.24 19.03 12.14
CA PRO A 41 6.37 17.56 12.10
C PRO A 41 7.57 17.03 12.89
N ILE A 42 7.64 15.73 13.03
CA ILE A 42 8.74 15.00 13.72
C ILE A 42 9.27 13.92 12.81
N ASP A 43 10.44 13.39 13.15
CA ASP A 43 10.93 12.12 12.57
C ASP A 43 10.18 11.01 13.23
N LEU A 44 9.48 10.22 12.43
CA LEU A 44 8.72 9.06 12.91
C LEU A 44 9.69 7.87 12.94
N LYS A 45 10.09 7.44 14.15
CA LYS A 45 11.20 6.47 14.34
C LYS A 45 10.58 5.14 14.73
N THR A 46 10.65 4.14 13.84
CA THR A 46 10.03 2.82 14.05
C THR A 46 10.56 2.16 15.32
N ASP A 47 11.87 2.21 15.48
CA ASP A 47 12.56 1.53 16.61
C ASP A 47 12.15 2.21 17.93
N ILE A 48 12.05 3.55 18.00
CA ILE A 48 11.90 4.28 19.29
C ILE A 48 10.44 4.25 19.76
N SER A 49 9.50 4.23 18.84
CA SER A 49 8.04 4.29 19.07
C SER A 49 7.49 3.09 19.87
N THR A 50 6.35 3.30 20.54
CA THR A 50 5.62 2.30 21.36
CA THR A 50 5.63 2.30 21.37
C THR A 50 4.48 1.69 20.56
N LEU A 51 4.54 0.38 20.30
CA LEU A 51 3.43 -0.33 19.60
C LEU A 51 2.23 -0.36 20.52
N ASP A 52 1.08 0.21 20.14
CA ASP A 52 -0.12 0.17 20.99
C ASP A 52 -1.20 -0.60 20.24
N LEU A 53 -1.47 -1.83 20.67
CA LEU A 53 -2.34 -2.76 19.91
C LEU A 53 -3.79 -2.31 20.06
N LYS A 54 -4.13 -1.41 20.98
CA LYS A 54 -5.51 -0.89 21.10
C LYS A 54 -5.85 0.09 19.97
N LEU A 55 -4.88 0.58 19.21
CA LEU A 55 -5.19 1.60 18.15
C LEU A 55 -5.74 0.85 16.92
N LYS A 56 -6.92 1.24 16.48
CA LYS A 56 -7.71 0.46 15.49
C LYS A 56 -7.47 0.99 14.09
N THR A 57 -8.01 0.26 13.11
CA THR A 57 -8.02 0.69 11.69
CA THR A 57 -8.06 0.67 11.68
C THR A 57 -8.74 2.03 11.58
N VAL A 58 -8.19 2.96 10.82
CA VAL A 58 -8.86 4.23 10.49
C VAL A 58 -9.88 3.98 9.37
N ILE A 59 -11.07 4.55 9.52
CA ILE A 59 -12.12 4.52 8.48
C ILE A 59 -12.42 5.95 8.07
N ILE A 60 -12.53 6.20 6.78
CA ILE A 60 -13.06 7.48 6.24
C ILE A 60 -14.37 7.15 5.54
N TYR A 61 -15.40 7.93 5.80
CA TYR A 61 -16.76 7.62 5.33
C TYR A 61 -17.47 8.92 5.03
N ARG A 62 -18.44 8.81 4.11
CA ARG A 62 -19.16 9.96 3.55
C ARG A 62 -20.62 9.94 3.98
N ASN A 63 -21.20 11.12 4.16
CA ASN A 63 -22.66 11.33 4.28
C ASN A 63 -23.17 11.31 2.81
N THR A 64 -23.79 10.19 2.41
CA THR A 64 -24.30 10.02 1.02
C THR A 64 -25.49 10.97 0.76
N SER A 65 -26.04 11.69 1.74
CA SER A 65 -27.12 12.69 1.50
CA SER A 65 -27.12 12.70 1.53
C SER A 65 -26.49 14.06 1.20
N SER A 66 -25.16 14.21 1.36
CA SER A 66 -24.51 15.51 1.10
C SER A 66 -24.42 15.77 -0.40
N THR A 67 -24.69 17.02 -0.76
CA THR A 67 -24.91 17.52 -2.14
C THR A 67 -23.90 18.63 -2.48
N GLU A 68 -23.31 19.28 -1.47
CA GLU A 68 -22.52 20.52 -1.65
C GLU A 68 -21.24 20.22 -2.44
N THR A 69 -20.73 21.24 -3.08
CA THR A 69 -19.57 21.14 -3.98
C THR A 69 -18.27 21.25 -3.16
N THR A 70 -17.17 20.72 -3.66
CA THR A 70 -15.83 20.96 -3.05
C THR A 70 -15.09 21.93 -3.97
N THR A 71 -14.21 22.70 -3.36
CA THR A 71 -13.37 23.71 -4.04
C THR A 71 -11.95 23.45 -3.65
N ILE A 72 -11.03 24.03 -4.41
CA ILE A 72 -9.57 23.98 -4.16
C ILE A 72 -9.09 25.40 -4.30
N GLN A 73 -8.12 25.80 -3.51
CA GLN A 73 -7.58 27.18 -3.54
C GLN A 73 -6.07 27.11 -3.61
N ASN A 74 -5.42 28.00 -4.38
CA ASN A 74 -4.00 28.30 -4.19
C ASN A 74 -3.98 29.38 -3.12
N ASN A 75 -3.57 29.04 -1.89
CA ASN A 75 -3.62 29.97 -0.72
C ASN A 75 -2.27 30.67 -0.60
N GLY A 76 -1.34 30.44 -1.53
CA GLY A 76 -0.04 31.14 -1.57
C GLY A 76 1.02 30.33 -0.89
N HIS A 77 0.63 29.28 -0.14
CA HIS A 77 1.57 28.35 0.54
C HIS A 77 1.29 26.89 0.16
N SER A 78 0.10 26.55 -0.24
CA SER A 78 -0.24 25.16 -0.61
C SER A 78 -1.43 25.17 -1.53
N ALA A 79 -1.75 24.00 -2.08
CA ALA A 79 -3.02 23.70 -2.74
C ALA A 79 -3.94 23.14 -1.65
N GLU A 80 -5.03 23.81 -1.33
CA GLU A 80 -5.92 23.38 -0.23
C GLU A 80 -7.32 23.10 -0.76
N VAL A 81 -7.74 21.87 -0.59
CA VAL A 81 -9.10 21.40 -0.90
C VAL A 81 -9.95 21.76 0.32
N LYS A 82 -11.07 22.42 0.09
CA LYS A 82 -12.06 22.75 1.13
C LYS A 82 -13.29 21.92 0.90
N PHE A 83 -13.54 21.02 1.81
CA PHE A 83 -14.72 20.15 1.78
C PHE A 83 -15.90 20.92 2.35
N PRO A 84 -17.09 20.59 1.85
CA PRO A 84 -18.32 21.08 2.48
C PRO A 84 -18.54 20.46 3.86
N ARG A 85 -19.24 21.18 4.72
CA ARG A 85 -19.65 20.74 6.08
C ARG A 85 -20.43 19.44 6.00
N ASN A 86 -20.33 18.61 7.03
CA ASN A 86 -21.24 17.46 7.23
C ASN A 86 -21.11 16.46 6.10
N THR A 87 -19.94 16.27 5.51
CA THR A 87 -19.84 15.40 4.31
C THR A 87 -18.89 14.22 4.51
N TRP A 88 -17.65 14.50 4.90
CA TRP A 88 -16.62 13.48 5.10
C TRP A 88 -16.22 13.41 6.60
N PHE A 89 -16.09 12.19 7.09
CA PHE A 89 -15.83 11.86 8.51
C PHE A 89 -14.69 10.84 8.62
N ILE A 90 -14.10 10.84 9.80
CA ILE A 90 -13.13 9.83 10.26
C ILE A 90 -13.74 9.16 11.47
N SER A 91 -13.59 7.85 11.50
CA SER A 91 -13.77 7.00 12.69
C SER A 91 -12.47 6.31 13.02
N PHE A 92 -12.07 6.48 14.27
CA PHE A 92 -10.92 5.76 14.87
C PHE A 92 -11.42 4.57 15.71
N ASP A 93 -12.72 4.37 15.88
CA ASP A 93 -13.22 3.35 16.85
C ASP A 93 -14.18 2.37 16.17
N GLY A 94 -14.36 2.44 14.86
CA GLY A 94 -15.21 1.49 14.13
C GLY A 94 -16.67 1.90 14.14
N ILE A 95 -17.07 2.91 14.90
CA ILE A 95 -18.47 3.40 14.90
C ILE A 95 -18.54 4.57 13.95
N LEU A 96 -19.58 4.60 13.12
CA LEU A 96 -19.81 5.64 12.09
C LEU A 96 -20.73 6.71 12.65
N ASP A 97 -20.34 7.38 13.73
CA ASP A 97 -21.23 8.29 14.50
C ASP A 97 -20.70 9.72 14.50
N TYR A 98 -19.90 10.09 13.49
CA TYR A 98 -19.56 11.50 13.17
C TYR A 98 -18.77 12.13 14.31
N LYS A 99 -17.80 11.42 14.90
CA LYS A 99 -16.98 12.03 15.98
C LYS A 99 -15.98 13.07 15.39
N TYR A 100 -15.44 12.78 14.23
CA TYR A 100 -14.43 13.59 13.54
C TYR A 100 -14.99 13.94 12.16
N GLU A 101 -15.06 15.22 11.87
CA GLU A 101 -15.57 15.75 10.59
C GLU A 101 -14.43 16.44 9.82
N ILE A 102 -14.21 15.98 8.59
CA ILE A 102 -13.13 16.48 7.70
C ILE A 102 -13.49 17.89 7.21
N ILE A 103 -12.51 18.79 7.24
CA ILE A 103 -12.65 20.22 6.84
C ILE A 103 -11.93 20.43 5.51
N GLN A 104 -10.68 19.98 5.44
CA GLN A 104 -9.88 20.33 4.24
C GLN A 104 -8.75 19.33 4.09
N MET A 105 -8.13 19.37 2.92
CA MET A 105 -6.90 18.58 2.64
C MET A 105 -5.88 19.48 1.94
N HIS A 106 -4.66 19.49 2.38
CA HIS A 106 -3.65 20.27 1.65
C HIS A 106 -2.38 19.42 1.53
N PHE A 107 -1.41 19.97 0.82
CA PHE A 107 -0.23 19.25 0.33
C PHE A 107 1.03 20.07 0.59
N HIS A 108 2.09 19.32 0.84
CA HIS A 108 3.48 19.77 0.97
C HIS A 108 4.31 18.94 0.00
N TRP A 109 5.20 19.59 -0.75
CA TRP A 109 6.03 18.90 -1.75
C TRP A 109 7.37 19.61 -1.90
N GLY A 110 8.23 18.99 -2.71
CA GLY A 110 9.60 19.46 -2.90
C GLY A 110 9.81 20.06 -4.28
N ASN A 111 10.94 20.78 -4.41
CA ASN A 111 11.45 21.28 -5.71
C ASN A 111 11.97 20.07 -6.49
N THR A 112 12.36 19.02 -5.78
CA THR A 112 12.97 17.79 -6.33
C THR A 112 12.30 16.57 -5.69
N ASP A 113 12.50 15.40 -6.29
CA ASP A 113 11.74 14.16 -5.98
C ASP A 113 12.24 13.59 -4.66
N ASP A 114 13.41 13.98 -4.17
CA ASP A 114 13.96 13.36 -2.95
C ASP A 114 13.52 14.13 -1.67
N ARG A 115 12.63 15.11 -1.75
CA ARG A 115 12.11 15.77 -0.52
C ARG A 115 10.73 16.31 -0.82
N GLY A 116 10.06 16.85 0.21
CA GLY A 116 8.73 17.46 0.11
C GLY A 116 7.89 17.20 1.35
N SER A 117 7.93 15.99 1.91
CA SER A 117 7.11 15.61 3.07
C SER A 117 7.57 16.42 4.29
N GLU A 118 6.66 16.66 5.21
CA GLU A 118 6.92 17.34 6.52
C GLU A 118 7.43 16.30 7.49
N HIS A 119 6.65 15.22 7.73
CA HIS A 119 7.15 14.05 8.50
C HIS A 119 8.25 13.34 7.69
N THR A 120 9.15 12.71 8.40
CA THR A 120 10.11 11.71 7.89
C THR A 120 9.77 10.38 8.56
N ILE A 121 10.06 9.30 7.88
CA ILE A 121 9.98 7.94 8.48
C ILE A 121 11.39 7.38 8.52
N ASP A 122 11.96 7.22 9.72
CA ASP A 122 13.37 6.80 9.94
C ASP A 122 14.28 7.67 9.07
N GLY A 123 14.06 8.98 9.08
CA GLY A 123 14.91 9.95 8.38
C GLY A 123 14.58 10.07 6.91
N PHE A 124 13.65 9.29 6.33
CA PHE A 124 13.38 9.32 4.86
C PHE A 124 12.28 10.34 4.55
N ARG A 125 12.52 11.17 3.56
CA ARG A 125 11.52 12.14 3.05
C ARG A 125 10.84 11.58 1.82
N PHE A 126 9.54 11.80 1.74
CA PHE A 126 8.73 11.49 0.55
C PHE A 126 8.59 12.74 -0.31
N PRO A 127 8.29 12.59 -1.62
CA PRO A 127 8.10 13.75 -2.48
C PRO A 127 6.87 14.61 -2.17
N LEU A 128 5.81 14.03 -1.54
CA LEU A 128 4.53 14.71 -1.35
C LEU A 128 3.86 14.11 -0.11
N GLU A 129 3.35 14.95 0.76
CA GLU A 129 2.60 14.58 1.97
C GLU A 129 1.28 15.32 1.90
N GLY A 130 0.18 14.58 1.97
CA GLY A 130 -1.14 15.19 2.11
C GLY A 130 -1.61 15.17 3.54
N HIS A 131 -2.35 16.22 3.90
CA HIS A 131 -2.85 16.42 5.28
C HIS A 131 -4.35 16.54 5.20
N ILE A 132 -5.05 15.51 5.67
CA ILE A 132 -6.52 15.51 5.80
C ILE A 132 -6.83 16.07 7.20
N VAL A 133 -7.43 17.23 7.24
CA VAL A 133 -7.67 17.97 8.52
C VAL A 133 -9.11 17.78 8.98
N SER A 134 -9.31 17.34 10.21
CA SER A 134 -10.66 17.12 10.76
C SER A 134 -10.79 17.82 12.12
N PHE A 135 -12.01 18.09 12.58
CA PHE A 135 -12.24 18.61 13.94
C PHE A 135 -13.06 17.61 14.73
N ARG A 136 -12.86 17.65 16.05
CA ARG A 136 -13.49 16.74 17.01
C ARG A 136 -14.94 17.21 17.23
N ARG A 137 -15.79 16.83 16.29
CA ARG A 137 -17.24 17.16 16.30
C ARG A 137 -17.91 16.52 17.52
N GLN A 138 -17.37 15.42 18.02
CA GLN A 138 -17.79 14.82 19.31
C GLN A 138 -17.87 15.88 20.43
N MET A 139 -16.99 16.86 20.42
CA MET A 139 -16.91 17.87 21.46
C MET A 139 -17.27 19.26 20.95
N TYR A 140 -16.87 19.63 19.73
CA TYR A 140 -17.01 21.02 19.24
C TYR A 140 -18.00 21.03 18.08
N SER A 141 -18.88 22.01 18.08
CA SER A 141 -20.01 22.10 17.10
C SER A 141 -19.48 22.61 15.76
N SER A 142 -18.38 23.34 15.71
CA SER A 142 -17.92 23.85 14.38
C SER A 142 -16.41 23.86 14.27
N PRO A 143 -15.92 23.88 13.03
CA PRO A 143 -14.48 23.97 12.76
C PRO A 143 -13.90 25.21 13.41
N SER A 144 -14.58 26.36 13.35
CA SER A 144 -14.02 27.61 13.91
C SER A 144 -14.00 27.54 15.44
N GLU A 145 -14.85 26.75 16.09
CA GLU A 145 -14.76 26.52 17.55
C GLU A 145 -13.60 25.57 17.89
N ALA A 146 -13.35 24.53 17.08
CA ALA A 146 -12.32 23.50 17.36
C ALA A 146 -10.90 24.01 17.02
N ILE A 147 -10.74 24.80 15.96
CA ILE A 147 -9.39 25.08 15.38
C ILE A 147 -8.44 25.70 16.41
N GLY A 148 -8.94 26.53 17.34
CA GLY A 148 -8.07 27.17 18.35
C GLY A 148 -8.21 26.59 19.75
N ARG A 149 -8.93 25.48 19.96
CA ARG A 149 -9.25 24.98 21.32
C ARG A 149 -8.54 23.65 21.57
N PRO A 150 -8.37 23.29 22.86
CA PRO A 150 -7.63 22.09 23.22
C PRO A 150 -8.31 20.86 22.64
N GLY A 151 -7.48 19.95 22.10
CA GLY A 151 -7.90 18.64 21.57
C GLY A 151 -8.85 18.83 20.37
N GLY A 152 -8.84 20.00 19.72
CA GLY A 152 -9.83 20.33 18.66
C GLY A 152 -9.69 19.53 17.37
N LEU A 153 -8.46 19.12 16.98
CA LEU A 153 -8.19 18.70 15.59
C LEU A 153 -7.56 17.32 15.57
N ALA A 154 -7.77 16.62 14.46
CA ALA A 154 -7.06 15.38 14.13
C ALA A 154 -6.69 15.49 12.65
N VAL A 155 -5.43 15.23 12.34
CA VAL A 155 -4.94 15.29 10.95
C VAL A 155 -4.43 13.91 10.58
N LEU A 156 -4.75 13.50 9.35
CA LEU A 156 -4.19 12.30 8.72
C LEU A 156 -3.10 12.71 7.75
N GLY A 157 -1.92 12.14 7.93
CA GLY A 157 -0.79 12.30 7.01
C GLY A 157 -0.70 11.14 6.03
N ILE A 158 -0.75 11.48 4.75
CA ILE A 158 -0.68 10.49 3.65
C ILE A 158 0.60 10.77 2.83
N MET A 159 1.53 9.85 2.90
CA MET A 159 2.79 9.91 2.10
C MET A 159 2.47 9.44 0.70
N HIS A 160 3.11 10.07 -0.28
CA HIS A 160 3.03 9.69 -1.70
C HIS A 160 4.43 9.35 -2.21
N GLN A 161 4.55 8.32 -3.04
CA GLN A 161 5.84 7.96 -3.65
C GLN A 161 5.66 7.85 -5.16
N ILE A 162 6.72 8.24 -5.88
CA ILE A 162 6.76 8.25 -7.37
C ILE A 162 7.10 6.85 -7.86
N VAL A 163 6.33 6.33 -8.81
CA VAL A 163 6.65 5.08 -9.55
C VAL A 163 6.69 5.43 -11.03
N GLU A 164 7.48 4.70 -11.79
CA GLU A 164 7.61 4.92 -13.27
C GLU A 164 6.51 4.19 -14.03
N SER A 165 6.10 2.99 -13.59
CA SER A 165 5.15 2.10 -14.31
C SER A 165 3.86 1.94 -13.50
N ILE A 166 2.77 2.58 -13.92
CA ILE A 166 1.50 2.49 -13.18
C ILE A 166 0.37 3.01 -14.06
N LYS A 167 -0.84 2.44 -13.92
CA LYS A 167 -2.04 2.98 -14.62
C LYS A 167 -2.56 4.13 -13.78
N TYR A 168 -3.06 5.19 -14.41
CA TYR A 168 -3.74 6.33 -13.75
C TYR A 168 -4.70 5.82 -12.66
N GLU A 169 -5.52 4.79 -12.93
CA GLU A 169 -6.58 4.31 -11.99
C GLU A 169 -6.00 3.80 -10.66
N GLN A 170 -4.74 3.46 -10.56
CA GLN A 170 -4.13 2.92 -9.30
C GLN A 170 -3.29 4.02 -8.64
N THR A 171 -3.24 5.22 -9.21
CA THR A 171 -2.50 6.36 -8.59
C THR A 171 -3.46 7.07 -7.67
N ALA A 172 -2.94 7.83 -6.71
CA ALA A 172 -3.75 8.70 -5.84
C ALA A 172 -4.59 9.68 -6.67
N PHE A 173 -4.16 10.07 -7.88
CA PHE A 173 -4.87 11.07 -8.70
C PHE A 173 -6.24 10.57 -9.16
N LYS A 174 -6.45 9.26 -9.23
CA LYS A 174 -7.81 8.69 -9.42
C LYS A 174 -8.71 9.09 -8.24
N ALA A 175 -8.25 8.94 -7.00
CA ALA A 175 -9.04 9.40 -5.84
C ALA A 175 -9.24 10.90 -5.93
N TYR A 176 -8.22 11.64 -6.36
CA TYR A 176 -8.33 13.12 -6.43
C TYR A 176 -9.10 13.57 -7.69
N ASN A 177 -9.41 12.68 -8.63
CA ASN A 177 -9.99 13.09 -9.94
C ASN A 177 -9.16 14.18 -10.60
N ASN A 178 -7.83 14.04 -10.55
CA ASN A 178 -6.83 15.04 -11.02
C ASN A 178 -7.08 16.45 -10.54
N PHE A 179 -7.80 16.65 -9.43
CA PHE A 179 -8.20 17.99 -8.95
C PHE A 179 -8.83 18.78 -10.11
N SER A 180 -9.59 18.10 -10.98
CA SER A 180 -10.32 18.67 -12.16
C SER A 180 -9.40 19.57 -13.01
N GLY A 181 -8.10 19.27 -13.03
CA GLY A 181 -7.10 19.88 -13.92
C GLY A 181 -6.62 21.24 -13.44
N VAL A 182 -6.90 21.60 -12.19
CA VAL A 182 -6.67 22.97 -11.67
C VAL A 182 -5.19 23.17 -11.38
N LEU A 183 -4.38 22.12 -11.33
CA LEU A 183 -2.96 22.29 -10.99
C LEU A 183 -2.19 22.70 -12.26
N ASN A 184 -1.99 24.01 -12.45
CA ASN A 184 -1.25 24.52 -13.63
C ASN A 184 -0.70 25.91 -13.31
N SER A 185 0.08 26.47 -14.23
CA SER A 185 0.84 27.71 -13.99
C SER A 185 -0.14 28.88 -13.78
N GLN A 186 -1.37 28.77 -14.26
CA GLN A 186 -2.29 29.93 -14.24
C GLN A 186 -3.15 29.86 -12.96
N PHE A 187 -2.91 28.91 -12.06
CA PHE A 187 -3.73 28.74 -10.83
C PHE A 187 -3.08 29.61 -9.77
N VAL A 188 -3.24 30.92 -9.91
CA VAL A 188 -2.50 31.92 -9.10
C VAL A 188 -3.26 32.13 -7.79
N PRO A 189 -2.54 32.49 -6.71
CA PRO A 189 -3.19 32.76 -5.42
C PRO A 189 -3.95 34.07 -5.58
N PRO A 190 -5.14 34.30 -4.97
CA PRO A 190 -5.77 33.36 -4.05
C PRO A 190 -6.99 32.73 -4.73
N ASN A 191 -6.84 32.40 -6.02
CA ASN A 191 -7.92 31.83 -6.86
C ASN A 191 -8.40 30.55 -6.19
N ASN A 192 -9.68 30.29 -6.34
CA ASN A 192 -10.38 29.10 -5.84
C ASN A 192 -11.18 28.61 -7.03
N SER A 193 -11.32 27.30 -7.16
CA SER A 193 -12.12 26.68 -8.20
C SER A 193 -12.92 25.53 -7.61
N THR A 194 -14.12 25.34 -8.13
CA THR A 194 -14.96 24.16 -7.90
C THR A 194 -14.29 22.94 -8.54
N ILE A 195 -14.24 21.82 -7.82
CA ILE A 195 -13.61 20.59 -8.37
C ILE A 195 -14.56 19.45 -8.12
N ASP A 196 -14.35 18.34 -8.81
CA ASP A 196 -15.10 17.09 -8.54
C ASP A 196 -14.78 16.70 -7.09
N ASP A 197 -15.67 16.00 -6.43
CA ASP A 197 -15.39 15.55 -5.03
C ASP A 197 -14.16 14.62 -5.03
N ILE A 198 -13.42 14.63 -3.94
CA ILE A 198 -12.25 13.75 -3.72
C ILE A 198 -12.82 12.47 -3.11
N ASN A 199 -12.52 11.32 -3.66
CA ASN A 199 -12.95 10.07 -3.04
C ASN A 199 -11.93 9.68 -1.97
N LEU A 200 -12.11 10.19 -0.77
CA LEU A 200 -11.13 9.98 0.33
C LEU A 200 -11.17 8.52 0.81
N ALA A 201 -12.31 7.82 0.71
CA ALA A 201 -12.37 6.37 1.01
C ALA A 201 -11.52 5.59 0.01
N LEU A 202 -11.54 5.95 -1.26
CA LEU A 202 -10.65 5.25 -2.23
C LEU A 202 -9.19 5.56 -1.90
N LEU A 203 -8.91 6.82 -1.60
CA LEU A 203 -7.52 7.24 -1.28
C LEU A 203 -6.98 6.37 -0.15
N LEU A 204 -7.76 6.23 0.92
CA LEU A 204 -7.34 5.44 2.09
C LEU A 204 -7.17 3.95 1.73
N SER A 205 -7.93 3.42 0.76
CA SER A 205 -7.81 2.00 0.37
C SER A 205 -6.50 1.77 -0.41
N LEU A 206 -5.86 2.84 -0.91
CA LEU A 206 -4.57 2.72 -1.64
C LEU A 206 -3.41 2.43 -0.67
N LEU A 207 -3.63 2.55 0.64
CA LEU A 207 -2.57 2.14 1.59
C LEU A 207 -3.19 1.26 2.68
N ASN A 208 -2.40 0.87 3.68
CA ASN A 208 -2.87 0.06 4.82
C ASN A 208 -3.34 0.98 5.94
N PRO A 209 -4.66 1.09 6.15
CA PRO A 209 -5.19 2.05 7.12
C PRO A 209 -5.08 1.56 8.58
N SER A 210 -4.47 0.39 8.82
CA SER A 210 -4.17 -0.08 10.19
C SER A 210 -2.74 0.24 10.55
N ARG A 211 -1.88 0.67 9.62
CA ARG A 211 -0.43 0.76 9.87
C ARG A 211 -0.01 2.22 9.91
N TYR A 212 0.22 2.75 11.10
CA TYR A 212 0.40 4.21 11.25
C TYR A 212 1.15 4.55 12.54
N PHE A 213 1.81 5.69 12.50
CA PHE A 213 2.28 6.44 13.69
C PHE A 213 1.14 7.31 14.23
N ARG A 214 1.15 7.47 15.56
CA ARG A 214 0.17 8.28 16.33
C ARG A 214 0.89 9.04 17.44
N TYR A 215 0.66 10.35 17.50
CA TYR A 215 1.23 11.21 18.54
C TYR A 215 0.41 12.48 18.63
N LEU A 216 0.60 13.19 19.73
CA LEU A 216 0.00 14.51 19.94
C LEU A 216 1.00 15.58 19.51
N GLY A 217 0.57 16.49 18.68
CA GLY A 217 1.41 17.54 18.12
C GLY A 217 0.63 18.77 17.76
N SER A 218 1.07 19.39 16.67
CA SER A 218 0.72 20.76 16.31
C SER A 218 0.35 20.89 14.84
N LEU A 219 -0.28 22.00 14.49
CA LEU A 219 -0.28 22.48 13.11
C LEU A 219 1.18 22.71 12.68
N THR A 220 1.45 22.55 11.40
CA THR A 220 2.84 22.67 10.86
C THR A 220 3.04 24.07 10.23
N THR A 221 2.03 24.93 10.31
CA THR A 221 2.11 26.34 9.83
C THR A 221 1.67 27.21 10.97
N PRO A 222 2.17 28.46 11.04
CA PRO A 222 1.75 29.38 12.08
C PRO A 222 0.23 29.42 12.19
N PRO A 223 -0.38 29.46 13.39
CA PRO A 223 0.33 29.62 14.66
C PRO A 223 0.74 28.32 15.37
N CYS A 224 0.87 27.21 14.64
CA CYS A 224 1.49 25.96 15.18
C CYS A 224 0.72 25.46 16.43
N THR A 225 -0.58 25.64 16.47
CA THR A 225 -1.38 25.33 17.67
C THR A 225 -1.14 23.87 18.11
N GLU A 226 -0.91 23.61 19.41
CA GLU A 226 -0.66 22.25 19.92
C GLU A 226 -1.99 21.56 20.30
N ASN A 227 -2.85 21.32 19.32
CA ASN A 227 -4.18 20.73 19.53
C ASN A 227 -4.46 19.68 18.45
N VAL A 228 -3.41 19.05 17.92
CA VAL A 228 -3.54 18.10 16.81
C VAL A 228 -3.22 16.67 17.26
N LEU A 229 -4.23 15.81 17.14
CA LEU A 229 -4.03 14.36 17.17
C LEU A 229 -3.54 13.92 15.78
N TRP A 230 -2.27 13.51 15.66
CA TRP A 230 -1.60 13.11 14.40
C TRP A 230 -1.74 11.62 14.17
N THR A 231 -2.05 11.26 12.94
CA THR A 231 -2.00 9.88 12.42
C THR A 231 -1.24 9.93 11.13
N VAL A 232 -0.11 9.24 11.04
CA VAL A 232 0.69 9.30 9.78
C VAL A 232 0.78 7.86 9.28
N PHE A 233 0.20 7.56 8.13
CA PHE A 233 0.22 6.18 7.57
C PHE A 233 1.63 5.84 7.12
N ILE A 234 2.11 4.62 7.40
CA ILE A 234 3.50 4.21 7.06
C ILE A 234 3.63 3.88 5.55
N ASP A 235 2.66 3.23 4.95
CA ASP A 235 2.72 2.83 3.51
C ASP A 235 2.32 4.02 2.68
N PRO A 236 3.10 4.39 1.64
CA PRO A 236 2.67 5.48 0.76
C PRO A 236 1.68 5.06 -0.32
N VAL A 237 0.85 6.00 -0.74
CA VAL A 237 0.05 5.86 -2.00
C VAL A 237 0.99 6.20 -3.16
N LEU A 238 0.60 5.88 -4.40
CA LEU A 238 1.54 6.00 -5.52
C LEU A 238 1.12 7.08 -6.51
N ILE A 239 2.11 7.82 -7.01
CA ILE A 239 1.91 8.86 -8.06
C ILE A 239 3.03 8.75 -9.08
N THR A 240 2.91 9.52 -10.16
CA THR A 240 3.91 9.58 -11.24
C THR A 240 4.71 10.89 -11.13
N ARG A 241 5.84 10.96 -11.81
CA ARG A 241 6.62 12.21 -11.96
C ARG A 241 5.72 13.27 -12.58
N GLU A 242 4.96 12.91 -13.59
CA GLU A 242 4.07 13.84 -14.31
C GLU A 242 3.13 14.48 -13.30
N GLN A 243 2.60 13.68 -12.37
CA GLN A 243 1.62 14.17 -11.37
C GLN A 243 2.31 15.12 -10.36
N ILE A 244 3.48 14.79 -9.81
CA ILE A 244 4.20 15.68 -8.86
C ILE A 244 4.57 17.01 -9.55
N ASN A 245 4.90 17.00 -10.84
CA ASN A 245 5.30 18.24 -11.55
C ASN A 245 4.07 19.11 -11.74
N LEU A 246 2.84 18.59 -11.75
CA LEU A 246 1.63 19.44 -11.74
C LEU A 246 1.64 20.39 -10.52
N PHE A 247 1.95 19.91 -9.31
CA PHE A 247 2.02 20.76 -8.11
C PHE A 247 3.10 21.83 -8.31
N ARG A 248 4.23 21.45 -8.90
CA ARG A 248 5.37 22.35 -9.06
C ARG A 248 5.04 23.48 -10.04
N ASN A 249 3.97 23.36 -10.81
CA ASN A 249 3.52 24.44 -11.74
C ASN A 249 2.84 25.59 -10.99
N LEU A 250 2.37 25.35 -9.76
CA LEU A 250 1.67 26.41 -8.97
C LEU A 250 2.62 27.56 -8.65
N PRO A 251 2.18 28.83 -8.72
CA PRO A 251 2.97 29.93 -8.19
C PRO A 251 2.83 30.08 -6.67
N TYR A 252 3.93 30.38 -6.01
CA TYR A 252 3.98 30.87 -4.61
C TYR A 252 3.31 32.24 -4.51
N GLY A 253 2.81 32.57 -3.31
CA GLY A 253 2.36 33.93 -2.94
C GLY A 253 3.52 34.91 -2.95
N SER A 254 3.23 36.21 -3.01
CA SER A 254 4.21 37.31 -3.18
C SER A 254 5.10 37.47 -1.93
N ASN A 255 4.71 36.89 -0.78
CA ASN A 255 5.52 36.92 0.47
C ASN A 255 6.73 36.00 0.33
N GLU A 256 6.72 35.07 -0.66
CA GLU A 256 7.82 34.07 -0.83
C GLU A 256 8.92 34.69 -1.70
N LYS A 257 10.15 34.26 -1.51
CA LYS A 257 11.31 34.57 -2.39
C LYS A 257 11.26 33.70 -3.65
N GLN A 258 10.97 32.39 -3.56
CA GLN A 258 10.87 31.49 -4.76
C GLN A 258 9.58 31.79 -5.54
N THR A 259 9.63 31.74 -6.87
CA THR A 259 8.49 32.02 -7.75
C THR A 259 7.54 30.81 -7.79
N ARG A 260 8.07 29.61 -7.98
CA ARG A 260 7.24 28.40 -8.17
C ARG A 260 7.05 27.75 -6.80
N MET A 261 5.86 27.24 -6.56
CA MET A 261 5.56 26.60 -5.24
C MET A 261 6.30 25.27 -5.14
N GLY A 262 7.05 25.13 -4.06
CA GLY A 262 7.85 23.92 -3.81
C GLY A 262 8.67 24.16 -2.56
N ASP A 263 9.05 23.07 -1.89
CA ASP A 263 9.77 23.11 -0.59
C ASP A 263 8.84 23.80 0.44
N ASN A 264 7.54 23.57 0.34
CA ASN A 264 6.54 24.19 1.25
C ASN A 264 6.35 23.24 2.44
N PHE A 265 7.45 22.88 3.09
CA PHE A 265 7.43 22.01 4.29
C PHE A 265 8.18 22.71 5.41
N ARG A 266 7.75 22.38 6.62
CA ARG A 266 8.38 22.87 7.86
C ARG A 266 9.53 21.95 8.19
N PRO A 267 10.67 22.48 8.66
CA PRO A 267 11.71 21.60 9.20
C PRO A 267 11.24 20.67 10.34
N ILE A 268 11.98 19.59 10.53
CA ILE A 268 11.73 18.56 11.57
C ILE A 268 11.89 19.17 12.96
N GLN A 269 11.00 18.83 13.86
CA GLN A 269 11.01 19.22 15.30
C GLN A 269 11.36 17.98 16.09
N LEU A 270 11.87 18.16 17.31
CA LEU A 270 12.06 17.02 18.24
C LEU A 270 10.73 16.58 18.85
N LEU A 271 10.56 15.28 19.07
CA LEU A 271 9.49 14.72 19.91
C LEU A 271 9.56 15.42 21.28
N ASN A 272 10.76 15.52 21.86
CA ASN A 272 10.87 16.10 23.22
C ASN A 272 12.04 17.06 23.26
N PRO A 273 11.86 18.34 22.91
CA PRO A 273 12.90 19.34 23.12
C PRO A 273 13.33 19.34 24.59
N ILE A 274 14.56 19.78 24.82
CA ILE A 274 15.20 19.82 26.17
C ILE A 274 14.32 20.61 27.17
N ASP A 275 13.59 21.62 26.74
CA ASP A 275 12.77 22.43 27.69
C ASP A 275 11.37 21.84 27.95
N THR A 276 11.05 20.61 27.53
CA THR A 276 9.69 20.05 27.70
C THR A 276 9.39 19.94 29.21
N LEU A 277 8.15 20.18 29.62
CA LEU A 277 7.74 19.92 31.02
C LEU A 277 6.97 18.60 31.19
N ALA A 278 6.75 17.85 30.11
CA ALA A 278 6.03 16.57 30.19
C ALA A 278 6.20 15.90 28.84
N SER A 279 7.07 14.92 28.80
CA SER A 279 7.50 14.24 27.56
C SER A 279 6.29 13.66 26.86
N ARG A 280 6.27 13.70 25.53
CA ARG A 280 5.28 12.88 24.79
C ARG A 280 5.98 11.61 24.28
N THR A 281 5.15 10.66 23.91
CA THR A 281 5.51 9.33 23.38
C THR A 281 5.00 9.23 21.93
N LEU A 282 5.83 8.72 21.04
CA LEU A 282 5.42 8.30 19.67
C LEU A 282 4.85 6.90 19.74
N TYR A 283 3.60 6.73 19.30
CA TYR A 283 2.93 5.42 19.19
C TYR A 283 2.91 4.97 17.73
N ARG A 284 2.70 3.67 17.59
CA ARG A 284 2.63 2.96 16.30
C ARG A 284 1.45 1.99 16.45
N ALA A 285 0.69 1.85 15.36
CA ALA A 285 -0.42 0.89 15.23
C ALA A 285 -0.04 -0.16 14.17
N THR A 286 -0.58 -1.36 14.32
CA THR A 286 -0.54 -2.39 13.23
C THR A 286 -1.79 -3.27 13.35
N ALA A 287 -2.10 -4.02 12.29
CA ALA A 287 -3.38 -4.74 12.10
C ALA A 287 -3.49 -5.85 13.14
N ARG A 288 -4.70 -6.03 13.70
CA ARG A 288 -5.15 -7.21 14.51
C ARG A 288 -4.49 -8.46 13.91
N GLY A 289 -3.28 -8.84 14.40
CA GLY A 289 -2.44 -9.92 13.88
C GLY A 289 -2.91 -11.28 14.40
N GLU B 13 7.92 -33.05 -18.24
CA GLU B 13 8.49 -32.10 -19.20
C GLU B 13 7.51 -30.94 -19.37
N TRP B 14 7.65 -29.91 -18.58
CA TRP B 14 7.05 -28.63 -18.98
C TRP B 14 8.10 -27.56 -18.78
N SER B 15 7.94 -26.48 -19.49
CA SER B 15 8.76 -25.26 -19.39
C SER B 15 7.90 -24.02 -19.66
N TYR B 16 8.54 -22.87 -19.54
CA TYR B 16 8.06 -21.51 -19.93
C TYR B 16 8.59 -21.14 -21.31
N THR B 17 9.85 -21.45 -21.65
CA THR B 17 10.49 -20.84 -22.84
C THR B 17 10.90 -21.86 -23.93
N ASN B 18 10.75 -23.16 -23.69
CA ASN B 18 10.99 -24.19 -24.73
C ASN B 18 9.68 -24.45 -25.44
N ILE B 19 9.56 -24.03 -26.71
CA ILE B 19 8.28 -24.13 -27.49
C ILE B 19 7.80 -25.59 -27.60
N LEU B 20 8.66 -26.59 -27.31
CA LEU B 20 8.22 -28.02 -27.29
C LEU B 20 7.38 -28.33 -26.03
N THR B 21 7.60 -27.63 -24.91
CA THR B 21 7.01 -28.03 -23.59
C THR B 21 6.37 -26.80 -22.91
N GLY B 22 6.27 -25.70 -23.65
CA GLY B 22 5.93 -24.35 -23.19
C GLY B 22 4.43 -24.24 -22.91
N PRO B 23 3.97 -23.10 -22.35
CA PRO B 23 2.59 -22.94 -21.90
C PRO B 23 1.52 -23.24 -22.96
N GLU B 24 1.81 -23.03 -24.25
CA GLU B 24 0.85 -23.34 -25.35
C GLU B 24 0.61 -24.84 -25.49
N THR B 25 1.47 -25.68 -24.92
CA THR B 25 1.35 -27.13 -25.09
C THR B 25 0.70 -27.74 -23.86
N TRP B 26 0.53 -26.97 -22.77
CA TRP B 26 0.07 -27.60 -21.50
C TRP B 26 -1.32 -28.20 -21.71
N HIS B 27 -2.19 -27.58 -22.50
CA HIS B 27 -3.59 -28.06 -22.63
C HIS B 27 -3.59 -29.45 -23.26
N GLU B 28 -2.57 -29.73 -24.09
CA GLU B 28 -2.39 -31.00 -24.84
C GLU B 28 -1.63 -31.97 -23.92
N HIS B 29 -0.58 -31.55 -23.23
CA HIS B 29 0.26 -32.47 -22.40
C HIS B 29 -0.36 -32.77 -21.04
N TYR B 30 -1.19 -31.87 -20.49
CA TYR B 30 -1.83 -32.08 -19.16
C TYR B 30 -3.32 -31.71 -19.26
N LYS B 31 -4.07 -32.51 -20.01
CA LYS B 31 -5.49 -32.18 -20.27
C LYS B 31 -6.19 -32.06 -18.91
N ASN B 32 -5.93 -32.95 -17.93
CA ASN B 32 -6.44 -32.88 -16.54
C ASN B 32 -5.38 -32.13 -15.75
N MET B 33 -5.51 -30.79 -15.58
CA MET B 33 -6.70 -29.99 -15.86
C MET B 33 -6.39 -28.69 -16.66
N CYS B 34 -5.25 -28.63 -17.35
CA CYS B 34 -4.80 -27.43 -18.11
C CYS B 34 -5.70 -27.18 -19.32
N SER B 35 -6.59 -28.11 -19.67
CA SER B 35 -7.60 -27.94 -20.76
C SER B 35 -8.92 -27.44 -20.22
N GLY B 36 -9.03 -27.16 -18.91
CA GLY B 36 -10.28 -26.82 -18.25
C GLY B 36 -10.72 -25.39 -18.57
N TYR B 37 -11.81 -24.97 -17.96
CA TYR B 37 -12.36 -23.62 -18.22
C TYR B 37 -12.47 -22.85 -16.89
N TYR B 38 -11.81 -23.31 -15.83
CA TYR B 38 -11.71 -22.56 -14.56
C TYR B 38 -10.21 -22.29 -14.34
N GLN B 39 -9.52 -21.80 -15.37
CA GLN B 39 -8.02 -21.67 -15.32
C GLN B 39 -7.60 -20.30 -14.77
N SER B 40 -6.36 -20.25 -14.31
CA SER B 40 -5.64 -19.05 -13.83
C SER B 40 -4.31 -18.94 -14.56
N PRO B 41 -3.71 -17.75 -14.70
CA PRO B 41 -4.31 -16.49 -14.23
C PRO B 41 -5.31 -15.88 -15.20
N ILE B 42 -5.97 -14.86 -14.71
CA ILE B 42 -6.97 -14.12 -15.48
C ILE B 42 -6.62 -12.63 -15.40
N ASP B 43 -7.19 -11.89 -16.33
CA ASP B 43 -7.23 -10.41 -16.21
C ASP B 43 -8.24 -10.04 -15.14
N LEU B 44 -7.79 -9.34 -14.11
CA LEU B 44 -8.66 -8.89 -13.01
C LEU B 44 -9.24 -7.54 -13.40
N LYS B 45 -10.47 -7.53 -13.86
CA LYS B 45 -11.15 -6.37 -14.46
C LYS B 45 -12.04 -5.73 -13.39
N THR B 46 -11.67 -4.53 -12.93
CA THR B 46 -12.36 -3.87 -11.79
C THR B 46 -13.81 -3.56 -12.20
N ASP B 47 -14.05 -3.23 -13.46
CA ASP B 47 -15.38 -2.81 -14.02
CA ASP B 47 -15.41 -2.79 -13.90
C ASP B 47 -16.30 -4.03 -14.17
N ILE B 48 -15.78 -5.20 -14.56
CA ILE B 48 -16.71 -6.36 -14.70
C ILE B 48 -16.89 -7.12 -13.36
N SER B 49 -16.09 -6.88 -12.34
CA SER B 49 -16.13 -7.68 -11.10
C SER B 49 -17.31 -7.28 -10.23
N THR B 50 -17.75 -8.14 -9.33
CA THR B 50 -18.84 -7.87 -8.39
C THR B 50 -18.24 -7.60 -7.00
N LEU B 51 -18.56 -6.43 -6.44
CA LEU B 51 -18.16 -6.04 -5.08
C LEU B 51 -18.93 -6.91 -4.08
N ASP B 52 -18.25 -7.66 -3.22
CA ASP B 52 -18.92 -8.48 -2.20
C ASP B 52 -18.45 -7.95 -0.85
N LEU B 53 -19.34 -7.23 -0.18
CA LEU B 53 -19.00 -6.51 1.09
C LEU B 53 -18.78 -7.52 2.20
N LYS B 54 -19.20 -8.77 2.07
CA LYS B 54 -19.03 -9.78 3.14
C LYS B 54 -17.60 -10.35 3.16
N LEU B 55 -16.79 -10.11 2.14
CA LEU B 55 -15.41 -10.62 2.09
C LEU B 55 -14.55 -9.72 2.99
N LYS B 56 -13.93 -10.33 3.97
CA LYS B 56 -13.30 -9.64 5.13
C LYS B 56 -11.80 -9.49 4.89
N THR B 57 -11.19 -8.71 5.79
CA THR B 57 -9.73 -8.49 5.75
C THR B 57 -9.02 -9.83 5.91
N VAL B 58 -7.98 -10.03 5.12
CA VAL B 58 -7.09 -11.22 5.24
C VAL B 58 -6.12 -10.96 6.39
N ILE B 59 -5.90 -11.99 7.20
CA ILE B 59 -4.89 -11.98 8.28
C ILE B 59 -3.95 -13.13 8.01
N ILE B 60 -2.67 -12.87 8.14
CA ILE B 60 -1.66 -13.93 8.16
C ILE B 60 -1.06 -13.93 9.56
N TYR B 61 -0.84 -15.08 10.15
CA TYR B 61 -0.41 -15.17 11.57
C TYR B 61 0.42 -16.41 11.73
N ARG B 62 1.29 -16.39 12.75
CA ARG B 62 2.32 -17.42 12.97
C ARG B 62 2.02 -18.14 14.29
N ASN B 63 2.33 -19.41 14.34
CA ASN B 63 2.41 -20.23 15.57
C ASN B 63 3.74 -19.85 16.25
N THR B 64 3.66 -18.99 17.26
CA THR B 64 4.71 -18.54 18.23
C THR B 64 5.73 -19.63 18.56
N SER B 65 5.27 -20.85 18.81
CA SER B 65 6.12 -21.92 19.38
C SER B 65 6.62 -22.81 18.26
N SER B 66 6.46 -22.41 16.99
CA SER B 66 7.15 -23.12 15.87
C SER B 66 8.63 -22.72 15.86
N THR B 67 9.48 -23.70 15.60
CA THR B 67 10.95 -23.63 15.77
C THR B 67 11.64 -23.97 14.44
N GLU B 68 11.00 -24.73 13.56
CA GLU B 68 11.70 -25.33 12.40
C GLU B 68 12.10 -24.26 11.37
N THR B 69 13.13 -24.59 10.60
CA THR B 69 13.86 -23.71 9.65
C THR B 69 13.00 -23.52 8.39
N THR B 70 13.08 -22.37 7.68
CA THR B 70 12.52 -22.27 6.31
C THR B 70 13.66 -22.41 5.29
N THR B 71 13.35 -22.95 4.12
CA THR B 71 14.32 -23.10 3.01
CA THR B 71 14.31 -23.12 3.01
C THR B 71 13.81 -22.32 1.79
N ILE B 72 14.67 -22.15 0.82
CA ILE B 72 14.31 -21.68 -0.53
C ILE B 72 15.01 -22.60 -1.52
N GLN B 73 14.34 -22.87 -2.62
CA GLN B 73 14.83 -23.76 -3.69
C GLN B 73 14.74 -23.01 -5.01
N ASN B 74 15.74 -23.20 -5.87
CA ASN B 74 15.65 -22.98 -7.33
C ASN B 74 15.10 -24.27 -7.90
N ASN B 75 13.79 -24.33 -8.17
CA ASN B 75 13.17 -25.60 -8.62
C ASN B 75 13.32 -25.72 -10.16
N GLY B 76 13.98 -24.77 -10.82
CA GLY B 76 14.20 -24.78 -12.28
C GLY B 76 13.18 -23.92 -13.03
N HIS B 77 12.06 -23.54 -12.38
CA HIS B 77 10.95 -22.78 -13.01
CA HIS B 77 11.00 -22.74 -13.04
C HIS B 77 10.68 -21.51 -12.18
N SER B 78 10.97 -21.55 -10.89
CA SER B 78 10.80 -20.38 -10.00
C SER B 78 11.73 -20.50 -8.79
N ALA B 79 11.82 -19.43 -8.00
CA ALA B 79 12.33 -19.45 -6.62
C ALA B 79 11.19 -19.73 -5.65
N GLU B 80 11.26 -20.83 -4.91
CA GLU B 80 10.17 -21.31 -4.03
C GLU B 80 10.62 -21.34 -2.58
N VAL B 81 10.02 -20.53 -1.74
CA VAL B 81 10.26 -20.65 -0.28
C VAL B 81 9.38 -21.82 0.22
N LYS B 82 9.96 -22.78 0.93
CA LYS B 82 9.26 -23.90 1.58
C LYS B 82 9.21 -23.63 3.07
N PHE B 83 8.02 -23.40 3.62
CA PHE B 83 7.76 -23.15 5.05
C PHE B 83 7.65 -24.47 5.77
N PRO B 84 8.04 -24.52 7.04
CA PRO B 84 7.81 -25.73 7.82
C PRO B 84 6.31 -25.85 8.14
N ARG B 85 5.86 -27.08 8.39
CA ARG B 85 4.45 -27.40 8.74
C ARG B 85 4.07 -26.64 10.00
N ASN B 86 2.78 -26.36 10.16
CA ASN B 86 2.16 -25.88 11.40
C ASN B 86 2.79 -24.58 11.86
N THR B 87 3.19 -23.69 10.95
CA THR B 87 3.81 -22.42 11.44
C THR B 87 3.17 -21.15 10.88
N TRP B 88 2.84 -21.07 9.58
CA TRP B 88 2.19 -19.86 9.03
C TRP B 88 0.76 -20.21 8.55
N PHE B 89 -0.17 -19.30 8.83
CA PHE B 89 -1.63 -19.49 8.62
C PHE B 89 -2.27 -18.27 7.97
N ILE B 90 -3.41 -18.51 7.31
CA ILE B 90 -4.26 -17.43 6.80
C ILE B 90 -5.60 -17.57 7.49
N SER B 91 -6.19 -16.44 7.84
CA SER B 91 -7.61 -16.34 8.24
C SER B 91 -8.30 -15.37 7.28
N PHE B 92 -9.40 -15.84 6.74
CA PHE B 92 -10.34 -15.06 5.92
C PHE B 92 -11.56 -14.63 6.75
N ASP B 93 -11.67 -15.05 8.02
CA ASP B 93 -12.95 -14.89 8.76
C ASP B 93 -12.70 -14.17 10.09
N GLY B 94 -11.48 -13.73 10.37
CA GLY B 94 -11.15 -13.03 11.62
C GLY B 94 -10.91 -13.97 12.79
N ILE B 95 -11.12 -15.27 12.62
CA ILE B 95 -10.80 -16.31 13.65
C ILE B 95 -9.41 -16.88 13.37
N LEU B 96 -8.58 -16.97 14.40
CA LEU B 96 -7.21 -17.52 14.32
C LEU B 96 -7.23 -19.03 14.66
N ASP B 97 -8.00 -19.85 13.94
CA ASP B 97 -8.18 -21.30 14.25
C ASP B 97 -7.59 -22.20 13.17
N TYR B 98 -6.61 -21.75 12.40
CA TYR B 98 -5.72 -22.65 11.59
C TYR B 98 -6.53 -23.32 10.47
N LYS B 99 -7.50 -22.64 9.91
CA LYS B 99 -8.28 -23.12 8.75
C LYS B 99 -7.39 -23.27 7.50
N TYR B 100 -6.44 -22.36 7.27
CA TYR B 100 -5.57 -22.40 6.08
C TYR B 100 -4.13 -22.33 6.56
N GLU B 101 -3.32 -23.28 6.13
CA GLU B 101 -1.91 -23.44 6.52
C GLU B 101 -1.03 -23.17 5.31
N ILE B 102 -0.13 -22.21 5.45
CA ILE B 102 0.82 -21.85 4.40
C ILE B 102 1.88 -22.96 4.27
N ILE B 103 2.15 -23.32 3.03
CA ILE B 103 3.10 -24.38 2.59
C ILE B 103 4.30 -23.70 1.98
N GLN B 104 4.07 -22.80 1.02
CA GLN B 104 5.19 -22.28 0.22
C GLN B 104 4.87 -20.89 -0.32
N MET B 105 5.91 -20.18 -0.74
CA MET B 105 5.73 -18.92 -1.49
C MET B 105 6.68 -18.97 -2.66
N HIS B 106 6.17 -18.75 -3.86
CA HIS B 106 7.09 -18.60 -5.00
C HIS B 106 6.76 -17.36 -5.85
N PHE B 107 7.60 -17.14 -6.85
CA PHE B 107 7.72 -15.84 -7.52
C PHE B 107 7.68 -16.05 -9.02
N HIS B 108 7.05 -15.11 -9.69
CA HIS B 108 7.03 -14.99 -11.16
C HIS B 108 7.49 -13.59 -11.50
N TRP B 109 8.42 -13.46 -12.44
CA TRP B 109 8.96 -12.17 -12.89
C TRP B 109 9.29 -12.22 -14.38
N GLY B 110 9.68 -11.07 -14.88
CA GLY B 110 9.97 -10.77 -16.30
C GLY B 110 11.46 -10.63 -16.56
N ASN B 111 11.83 -10.76 -17.81
CA ASN B 111 13.18 -10.40 -18.33
C ASN B 111 13.37 -8.89 -18.20
N THR B 112 12.28 -8.13 -18.24
CA THR B 112 12.23 -6.65 -18.21
C THR B 112 11.13 -6.19 -17.24
N ASP B 113 11.20 -4.92 -16.81
CA ASP B 113 10.45 -4.37 -15.64
C ASP B 113 8.98 -4.18 -16.02
N ASP B 114 8.63 -4.21 -17.30
CA ASP B 114 7.24 -3.97 -17.75
C ASP B 114 6.44 -5.28 -17.77
N ARG B 115 7.01 -6.42 -17.42
CA ARG B 115 6.20 -7.68 -17.34
C ARG B 115 6.76 -8.59 -16.26
N GLY B 116 6.03 -9.67 -15.95
CA GLY B 116 6.47 -10.63 -14.94
C GLY B 116 5.31 -11.29 -14.21
N SER B 117 4.28 -10.52 -13.90
CA SER B 117 3.12 -11.01 -13.11
C SER B 117 2.31 -12.02 -13.96
N GLU B 118 1.63 -12.94 -13.28
CA GLU B 118 0.71 -13.89 -13.91
C GLU B 118 -0.62 -13.19 -14.12
N HIS B 119 -1.22 -12.71 -13.03
CA HIS B 119 -2.43 -11.90 -13.11
C HIS B 119 -2.09 -10.52 -13.70
N THR B 120 -3.04 -9.93 -14.36
CA THR B 120 -3.01 -8.50 -14.74
C THR B 120 -4.15 -7.86 -13.99
N ILE B 121 -4.05 -6.55 -13.79
CA ILE B 121 -5.14 -5.73 -13.24
C ILE B 121 -5.46 -4.69 -14.30
N ASP B 122 -6.67 -4.79 -14.84
CA ASP B 122 -7.15 -4.01 -16.01
C ASP B 122 -6.08 -4.00 -17.09
N GLY B 123 -5.46 -5.15 -17.36
CA GLY B 123 -4.50 -5.33 -18.45
C GLY B 123 -3.09 -4.91 -18.08
N PHE B 124 -2.84 -4.44 -16.87
CA PHE B 124 -1.50 -3.99 -16.43
C PHE B 124 -0.73 -5.16 -15.82
N ARG B 125 0.50 -5.37 -16.28
CA ARG B 125 1.45 -6.35 -15.75
C ARG B 125 2.36 -5.65 -14.73
N PHE B 126 2.62 -6.33 -13.64
CA PHE B 126 3.61 -5.92 -12.62
C PHE B 126 4.89 -6.66 -12.91
N PRO B 127 6.03 -6.14 -12.42
CA PRO B 127 7.30 -6.82 -12.62
C PRO B 127 7.50 -8.12 -11.84
N LEU B 128 6.75 -8.34 -10.76
CA LEU B 128 6.96 -9.50 -9.87
C LEU B 128 5.63 -9.82 -9.19
N GLU B 129 5.21 -11.08 -9.19
CA GLU B 129 3.98 -11.53 -8.47
C GLU B 129 4.44 -12.65 -7.56
N GLY B 130 4.14 -12.53 -6.26
CA GLY B 130 4.43 -13.60 -5.30
C GLY B 130 3.18 -14.39 -5.03
N HIS B 131 3.29 -15.71 -4.90
CA HIS B 131 2.14 -16.59 -4.62
C HIS B 131 2.38 -17.28 -3.30
N ILE B 132 1.59 -16.94 -2.29
CA ILE B 132 1.59 -17.61 -0.96
C ILE B 132 0.58 -18.75 -1.04
N VAL B 133 1.06 -19.99 -1.04
CA VAL B 133 0.22 -21.19 -1.23
C VAL B 133 -0.13 -21.78 0.12
N SER B 134 -1.41 -21.98 0.38
CA SER B 134 -1.93 -22.62 1.61
C SER B 134 -2.84 -23.78 1.27
N PHE B 135 -3.01 -24.70 2.19
CA PHE B 135 -4.05 -25.75 2.04
C PHE B 135 -5.09 -25.54 3.10
N ARG B 136 -6.27 -26.05 2.79
CA ARG B 136 -7.47 -25.90 3.61
C ARG B 136 -7.38 -26.94 4.72
N ARG B 137 -6.61 -26.61 5.74
CA ARG B 137 -6.44 -27.48 6.92
C ARG B 137 -7.78 -27.75 7.64
N GLN B 138 -8.74 -26.84 7.63
CA GLN B 138 -10.12 -27.04 8.11
C GLN B 138 -10.65 -28.41 7.63
N MET B 139 -10.36 -28.83 6.39
CA MET B 139 -10.89 -30.09 5.81
C MET B 139 -9.81 -31.17 5.68
N TYR B 140 -8.58 -30.81 5.35
CA TYR B 140 -7.56 -31.76 4.85
C TYR B 140 -6.39 -31.73 5.83
N SER B 141 -5.90 -32.88 6.29
CA SER B 141 -4.92 -32.90 7.40
C SER B 141 -3.51 -32.66 6.84
N SER B 142 -3.29 -32.82 5.54
CA SER B 142 -1.93 -32.65 5.00
C SER B 142 -1.99 -31.96 3.64
N PRO B 143 -0.91 -31.27 3.27
CA PRO B 143 -0.81 -30.66 1.95
C PRO B 143 -0.93 -31.71 0.85
N SER B 144 -0.29 -32.89 0.99
CA SER B 144 -0.31 -33.90 -0.11
C SER B 144 -1.75 -34.40 -0.28
N GLU B 145 -2.55 -34.47 0.78
CA GLU B 145 -3.99 -34.82 0.73
C GLU B 145 -4.74 -33.65 0.04
N ALA B 146 -4.38 -32.39 0.31
CA ALA B 146 -5.16 -31.22 -0.20
C ALA B 146 -4.84 -30.88 -1.66
N ILE B 147 -3.59 -30.99 -2.07
CA ILE B 147 -3.09 -30.44 -3.36
C ILE B 147 -3.88 -31.02 -4.52
N GLY B 148 -4.34 -32.26 -4.43
CA GLY B 148 -5.03 -32.87 -5.58
C GLY B 148 -6.54 -32.92 -5.40
N ARG B 149 -7.09 -32.37 -4.33
CA ARG B 149 -8.51 -32.61 -3.96
C ARG B 149 -9.33 -31.33 -4.11
N PRO B 150 -10.66 -31.47 -4.29
CA PRO B 150 -11.54 -30.34 -4.52
C PRO B 150 -11.40 -29.36 -3.36
N GLY B 151 -11.29 -28.06 -3.67
CA GLY B 151 -11.35 -27.01 -2.65
C GLY B 151 -10.14 -27.08 -1.72
N GLY B 152 -9.04 -27.73 -2.15
CA GLY B 152 -7.85 -28.01 -1.32
C GLY B 152 -7.02 -26.78 -0.97
N LEU B 153 -6.91 -25.83 -1.88
CA LEU B 153 -5.85 -24.78 -1.84
C LEU B 153 -6.46 -23.38 -1.82
N ALA B 154 -5.73 -22.45 -1.24
CA ALA B 154 -6.01 -20.99 -1.27
C ALA B 154 -4.67 -20.31 -1.47
N VAL B 155 -4.58 -19.51 -2.52
CA VAL B 155 -3.34 -18.79 -2.87
C VAL B 155 -3.60 -17.32 -2.75
N LEU B 156 -2.65 -16.59 -2.18
CA LEU B 156 -2.65 -15.11 -2.16
C LEU B 156 -1.65 -14.64 -3.20
N GLY B 157 -2.08 -13.74 -4.04
CA GLY B 157 -1.26 -13.05 -5.03
C GLY B 157 -0.86 -11.71 -4.50
N ILE B 158 0.43 -11.49 -4.45
CA ILE B 158 1.05 -10.21 -4.03
C ILE B 158 1.75 -9.59 -5.21
N MET B 159 1.24 -8.44 -5.68
CA MET B 159 1.91 -7.66 -6.74
C MET B 159 3.05 -6.85 -6.10
N HIS B 160 4.12 -6.67 -6.85
CA HIS B 160 5.30 -5.86 -6.45
C HIS B 160 5.52 -4.82 -7.53
N GLN B 161 5.81 -3.57 -7.12
CA GLN B 161 6.13 -2.53 -8.11
C GLN B 161 7.47 -1.87 -7.71
N ILE B 162 8.21 -1.45 -8.73
CA ILE B 162 9.57 -0.86 -8.61
C ILE B 162 9.44 0.62 -8.34
N VAL B 163 10.16 1.08 -7.31
CA VAL B 163 10.34 2.53 -6.98
C VAL B 163 11.84 2.86 -6.91
N GLU B 164 12.18 4.09 -7.23
CA GLU B 164 13.61 4.56 -7.28
C GLU B 164 14.01 5.03 -5.88
N SER B 165 13.08 5.50 -5.07
CA SER B 165 13.43 6.11 -3.77
C SER B 165 12.70 5.39 -2.65
N ILE B 166 13.42 4.63 -1.82
CA ILE B 166 12.80 3.91 -0.68
C ILE B 166 13.88 3.46 0.28
N LYS B 167 13.60 3.37 1.58
CA LYS B 167 14.51 2.70 2.55
C LYS B 167 14.33 1.19 2.42
N TYR B 168 15.44 0.43 2.46
CA TYR B 168 15.41 -1.05 2.46
C TYR B 168 14.25 -1.55 3.35
N GLU B 169 14.13 -0.99 4.56
CA GLU B 169 13.22 -1.48 5.62
C GLU B 169 11.76 -1.33 5.19
N GLN B 170 11.42 -0.50 4.19
CA GLN B 170 10.01 -0.33 3.73
C GLN B 170 9.72 -1.14 2.44
N THR B 171 10.69 -1.91 1.98
CA THR B 171 10.57 -2.78 0.78
C THR B 171 10.09 -4.15 1.20
N ALA B 172 9.49 -4.86 0.26
CA ALA B 172 9.08 -6.26 0.49
C ALA B 172 10.32 -7.09 0.88
N PHE B 173 11.52 -6.73 0.42
CA PHE B 173 12.72 -7.55 0.72
C PHE B 173 13.07 -7.53 2.21
N LYS B 174 12.63 -6.52 2.95
CA LYS B 174 12.78 -6.52 4.43
C LYS B 174 11.94 -7.66 4.99
N ALA B 175 10.71 -7.85 4.49
CA ALA B 175 9.85 -8.93 5.02
C ALA B 175 10.47 -10.28 4.65
N TYR B 176 11.13 -10.36 3.50
CA TYR B 176 11.81 -11.59 3.02
C TYR B 176 13.20 -11.77 3.69
N ASN B 177 13.64 -10.83 4.55
CA ASN B 177 15.03 -10.76 5.13
C ASN B 177 16.04 -10.96 4.01
N ASN B 178 15.78 -10.35 2.87
CA ASN B 178 16.66 -10.38 1.69
C ASN B 178 16.92 -11.82 1.24
N PHE B 179 16.06 -12.78 1.58
CA PHE B 179 16.26 -14.23 1.25
C PHE B 179 17.65 -14.68 1.76
N SER B 180 18.11 -14.05 2.85
CA SER B 180 19.39 -14.28 3.57
C SER B 180 20.56 -14.27 2.59
N GLY B 181 20.46 -13.48 1.52
CA GLY B 181 21.49 -13.22 0.52
C GLY B 181 21.76 -14.41 -0.35
N VAL B 182 20.83 -15.36 -0.41
CA VAL B 182 21.02 -16.66 -1.09
C VAL B 182 20.89 -16.51 -2.62
N LEU B 183 20.17 -15.52 -3.11
CA LEU B 183 19.91 -15.37 -4.57
C LEU B 183 21.21 -14.97 -5.31
N ASN B 184 21.81 -15.89 -6.08
CA ASN B 184 22.94 -15.52 -7.01
C ASN B 184 22.96 -16.50 -8.19
N SER B 185 23.90 -16.32 -9.13
CA SER B 185 24.07 -17.16 -10.35
C SER B 185 24.45 -18.60 -10.01
N GLN B 186 24.93 -18.89 -8.82
CA GLN B 186 25.35 -20.27 -8.48
C GLN B 186 24.20 -20.97 -7.75
N PHE B 187 23.07 -20.28 -7.52
CA PHE B 187 21.92 -20.92 -6.84
C PHE B 187 21.17 -21.70 -7.91
N VAL B 188 21.66 -22.91 -8.20
CA VAL B 188 21.28 -23.68 -9.42
C VAL B 188 20.19 -24.69 -9.06
N PRO B 189 19.31 -25.05 -10.01
CA PRO B 189 18.35 -26.12 -9.75
C PRO B 189 19.05 -27.46 -9.57
N PRO B 190 18.62 -28.36 -8.64
CA PRO B 190 17.44 -28.20 -7.80
C PRO B 190 17.84 -27.81 -6.36
N ASN B 191 18.92 -27.05 -6.22
CA ASN B 191 19.52 -26.71 -4.91
C ASN B 191 18.52 -25.98 -4.03
N ASN B 192 18.56 -26.29 -2.74
CA ASN B 192 17.80 -25.61 -1.68
C ASN B 192 18.85 -24.97 -0.79
N SER B 193 18.47 -23.99 0.01
CA SER B 193 19.31 -23.40 1.06
C SER B 193 18.42 -22.99 2.23
N THR B 194 18.85 -23.21 3.46
CA THR B 194 18.09 -22.69 4.62
C THR B 194 18.24 -21.17 4.64
N ILE B 195 17.22 -20.47 5.10
CA ILE B 195 17.18 -18.97 5.10
C ILE B 195 16.55 -18.51 6.40
N ASP B 196 16.79 -17.28 6.80
CA ASP B 196 16.04 -16.65 7.91
C ASP B 196 14.54 -16.70 7.56
N ASP B 197 13.67 -16.81 8.55
CA ASP B 197 12.22 -16.92 8.28
C ASP B 197 11.73 -15.61 7.64
N ILE B 198 10.74 -15.74 6.77
CA ILE B 198 10.01 -14.66 6.07
C ILE B 198 8.96 -14.11 7.06
N ASN B 199 8.97 -12.81 7.29
CA ASN B 199 7.93 -12.17 8.12
C ASN B 199 6.71 -11.89 7.24
N LEU B 200 5.83 -12.87 7.10
CA LEU B 200 4.68 -12.75 6.15
C LEU B 200 3.67 -11.74 6.70
N ALA B 201 3.60 -11.55 8.03
CA ALA B 201 2.71 -10.53 8.62
C ALA B 201 3.21 -9.13 8.24
N LEU B 202 4.51 -8.92 8.27
CA LEU B 202 5.06 -7.61 7.81
C LEU B 202 4.74 -7.44 6.31
N LEU B 203 4.95 -8.47 5.50
CA LEU B 203 4.68 -8.37 4.04
C LEU B 203 3.26 -7.86 3.83
N LEU B 204 2.29 -8.47 4.50
CA LEU B 204 0.88 -8.13 4.30
C LEU B 204 0.61 -6.69 4.78
N SER B 205 1.32 -6.22 5.79
CA SER B 205 1.13 -4.85 6.35
C SER B 205 1.58 -3.81 5.30
N LEU B 206 2.36 -4.23 4.29
CA LEU B 206 2.93 -3.29 3.27
C LEU B 206 1.87 -2.93 2.20
N LEU B 207 0.75 -3.64 2.19
CA LEU B 207 -0.39 -3.34 1.29
C LEU B 207 -1.68 -3.26 2.11
N ASN B 208 -2.82 -3.05 1.45
CA ASN B 208 -4.14 -3.01 2.11
C ASN B 208 -4.77 -4.39 2.00
N PRO B 209 -4.82 -5.13 3.12
CA PRO B 209 -5.26 -6.52 3.10
C PRO B 209 -6.79 -6.66 3.05
N SER B 210 -7.53 -5.55 2.99
CA SER B 210 -9.00 -5.53 2.76
C SER B 210 -9.37 -5.44 1.28
N ARG B 211 -8.43 -5.13 0.41
CA ARG B 211 -8.71 -4.66 -0.95
C ARG B 211 -8.13 -5.66 -1.97
N TYR B 212 -8.99 -6.50 -2.51
CA TYR B 212 -8.48 -7.67 -3.28
C TYR B 212 -9.55 -8.12 -4.27
N PHE B 213 -9.09 -8.84 -5.29
CA PHE B 213 -9.94 -9.71 -6.13
C PHE B 213 -10.02 -11.11 -5.56
N ARG B 214 -11.15 -11.75 -5.79
CA ARG B 214 -11.42 -13.11 -5.31
C ARG B 214 -12.13 -13.89 -6.42
N TYR B 215 -11.66 -15.12 -6.71
CA TYR B 215 -12.36 -16.01 -7.67
C TYR B 215 -11.85 -17.42 -7.47
N LEU B 216 -12.58 -18.38 -8.05
CA LEU B 216 -12.20 -19.79 -8.03
C LEU B 216 -11.44 -20.05 -9.31
N GLY B 217 -10.26 -20.63 -9.18
CA GLY B 217 -9.42 -20.91 -10.35
C GLY B 217 -8.51 -22.08 -10.11
N SER B 218 -7.30 -21.96 -10.62
CA SER B 218 -6.41 -23.10 -10.80
C SER B 218 -4.99 -22.77 -10.39
N LEU B 219 -4.18 -23.81 -10.27
CA LEU B 219 -2.72 -23.69 -10.24
C LEU B 219 -2.31 -23.12 -11.60
N THR B 220 -1.24 -22.32 -11.64
CA THR B 220 -0.80 -21.68 -12.89
C THR B 220 0.34 -22.48 -13.53
N THR B 221 0.74 -23.60 -12.93
CA THR B 221 1.69 -24.54 -13.55
C THR B 221 1.04 -25.92 -13.61
N PRO B 222 1.49 -26.79 -14.55
CA PRO B 222 0.86 -28.09 -14.73
C PRO B 222 0.85 -28.83 -13.42
N PRO B 223 -0.18 -29.61 -13.03
CA PRO B 223 -1.33 -29.92 -13.87
C PRO B 223 -2.52 -28.91 -13.83
N CYS B 224 -2.29 -27.68 -13.34
CA CYS B 224 -3.29 -26.59 -13.46
C CYS B 224 -4.57 -27.02 -12.77
N THR B 225 -4.45 -27.64 -11.60
CA THR B 225 -5.60 -28.21 -10.88
C THR B 225 -6.61 -27.11 -10.56
N GLU B 226 -7.90 -27.33 -10.87
CA GLU B 226 -8.99 -26.33 -10.60
C GLU B 226 -9.49 -26.49 -9.16
N ASN B 227 -8.65 -26.22 -8.17
CA ASN B 227 -9.00 -26.37 -6.73
C ASN B 227 -8.44 -25.18 -5.94
N VAL B 228 -8.26 -24.04 -6.60
CA VAL B 228 -7.62 -22.86 -5.92
C VAL B 228 -8.64 -21.78 -5.65
N LEU B 229 -8.80 -21.44 -4.38
CA LEU B 229 -9.45 -20.16 -3.96
C LEU B 229 -8.42 -19.03 -4.11
N TRP B 230 -8.61 -18.14 -5.08
CA TRP B 230 -7.64 -17.05 -5.41
C TRP B 230 -8.03 -15.79 -4.66
N THR B 231 -7.01 -15.10 -4.13
CA THR B 231 -7.09 -13.74 -3.53
C THR B 231 -5.90 -12.96 -4.11
N VAL B 232 -6.15 -11.91 -4.86
CA VAL B 232 -5.05 -11.12 -5.46
C VAL B 232 -5.22 -9.67 -4.94
N PHE B 233 -4.30 -9.22 -4.11
CA PHE B 233 -4.35 -7.85 -3.54
C PHE B 233 -4.14 -6.82 -4.62
N ILE B 234 -4.99 -5.79 -4.58
CA ILE B 234 -4.95 -4.76 -5.64
C ILE B 234 -3.74 -3.82 -5.47
N ASP B 235 -3.39 -3.46 -4.24
CA ASP B 235 -2.25 -2.54 -3.97
C ASP B 235 -0.95 -3.32 -4.00
N PRO B 236 0.07 -2.87 -4.76
CA PRO B 236 1.38 -3.53 -4.76
C PRO B 236 2.23 -3.18 -3.52
N VAL B 237 3.08 -4.13 -3.13
CA VAL B 237 4.24 -3.86 -2.23
C VAL B 237 5.39 -3.31 -3.10
N LEU B 238 6.36 -2.62 -2.49
CA LEU B 238 7.40 -1.88 -3.25
C LEU B 238 8.75 -2.59 -3.14
N ILE B 239 9.45 -2.63 -4.28
CA ILE B 239 10.83 -3.13 -4.37
C ILE B 239 11.66 -2.16 -5.19
N THR B 240 12.96 -2.39 -5.22
CA THR B 240 13.89 -1.58 -6.02
C THR B 240 14.29 -2.39 -7.24
N ARG B 241 14.87 -1.73 -8.23
CA ARG B 241 15.40 -2.35 -9.47
C ARG B 241 16.52 -3.34 -9.09
N GLU B 242 17.33 -3.01 -8.11
CA GLU B 242 18.41 -3.90 -7.60
C GLU B 242 17.82 -5.20 -7.05
N GLN B 243 16.68 -5.11 -6.36
CA GLN B 243 16.04 -6.32 -5.77
C GLN B 243 15.49 -7.19 -6.91
N ILE B 244 14.81 -6.64 -7.92
CA ILE B 244 14.22 -7.49 -9.01
C ILE B 244 15.40 -8.20 -9.72
N ASN B 245 16.52 -7.51 -9.89
CA ASN B 245 17.70 -8.07 -10.62
C ASN B 245 18.27 -9.25 -9.88
N LEU B 246 18.06 -9.35 -8.56
CA LEU B 246 18.52 -10.49 -7.74
C LEU B 246 17.83 -11.77 -8.23
N PHE B 247 16.52 -11.72 -8.53
CA PHE B 247 15.80 -12.89 -9.11
C PHE B 247 16.37 -13.23 -10.50
N ARG B 248 16.63 -12.24 -11.35
CA ARG B 248 17.06 -12.45 -12.75
C ARG B 248 18.46 -13.06 -12.85
N ASN B 249 19.23 -13.14 -11.78
CA ASN B 249 20.55 -13.82 -11.80
C ASN B 249 20.35 -15.35 -11.71
N LEU B 250 19.19 -15.80 -11.22
CA LEU B 250 18.94 -17.26 -11.12
C LEU B 250 18.99 -17.87 -12.52
N PRO B 251 19.59 -19.06 -12.66
CA PRO B 251 19.53 -19.84 -13.90
C PRO B 251 18.25 -20.69 -13.99
N TYR B 252 17.66 -20.75 -15.17
CA TYR B 252 16.60 -21.73 -15.54
C TYR B 252 17.17 -23.16 -15.52
N GLY B 253 16.32 -24.14 -15.22
CA GLY B 253 16.56 -25.60 -15.44
C GLY B 253 16.89 -25.88 -16.90
N SER B 254 17.44 -27.05 -17.24
CA SER B 254 18.00 -27.36 -18.59
C SER B 254 16.89 -27.66 -19.61
N ASN B 255 15.67 -27.94 -19.15
CA ASN B 255 14.54 -28.15 -20.08
C ASN B 255 14.06 -26.79 -20.63
N GLU B 256 14.60 -25.68 -20.14
CA GLU B 256 14.29 -24.34 -20.69
C GLU B 256 15.23 -23.96 -21.82
N LYS B 257 14.76 -23.17 -22.77
CA LYS B 257 15.60 -22.57 -23.83
C LYS B 257 16.39 -21.36 -23.29
N GLN B 258 15.75 -20.44 -22.56
CA GLN B 258 16.45 -19.24 -22.01
C GLN B 258 17.37 -19.70 -20.88
N THR B 259 18.54 -19.06 -20.73
CA THR B 259 19.52 -19.42 -19.69
C THR B 259 19.14 -18.81 -18.33
N ARG B 260 18.92 -17.50 -18.30
CA ARG B 260 18.57 -16.82 -17.02
C ARG B 260 17.05 -16.91 -16.77
N MET B 261 16.68 -17.23 -15.54
CA MET B 261 15.25 -17.37 -15.14
C MET B 261 14.57 -16.01 -15.29
N GLY B 262 13.52 -15.99 -16.09
CA GLY B 262 12.71 -14.79 -16.32
C GLY B 262 11.61 -15.14 -17.26
N ASP B 263 10.54 -14.35 -17.26
CA ASP B 263 9.33 -14.61 -18.08
C ASP B 263 8.75 -15.97 -17.67
N ASN B 264 8.83 -16.30 -16.37
CA ASN B 264 8.30 -17.53 -15.76
C ASN B 264 6.86 -17.25 -15.31
N PHE B 265 6.00 -16.89 -16.25
CA PHE B 265 4.56 -16.67 -16.02
C PHE B 265 3.76 -17.34 -17.13
N ARG B 266 2.57 -17.80 -16.78
CA ARG B 266 1.61 -18.39 -17.72
C ARG B 266 0.86 -17.26 -18.40
N PRO B 267 0.52 -17.42 -19.70
CA PRO B 267 -0.37 -16.51 -20.39
C PRO B 267 -1.74 -16.42 -19.71
N ILE B 268 -2.39 -15.29 -19.95
CA ILE B 268 -3.72 -14.92 -19.40
C ILE B 268 -4.76 -15.91 -19.96
N GLN B 269 -5.67 -16.34 -19.10
CA GLN B 269 -6.75 -17.32 -19.38
C GLN B 269 -8.04 -16.52 -19.33
N LEU B 270 -9.08 -16.89 -20.04
CA LEU B 270 -10.42 -16.22 -19.90
C LEU B 270 -11.09 -16.63 -18.60
N LEU B 271 -11.86 -15.72 -18.01
CA LEU B 271 -12.74 -16.06 -16.89
C LEU B 271 -13.72 -17.17 -17.33
N ASN B 272 -14.32 -17.04 -18.51
CA ASN B 272 -15.37 -17.99 -18.97
C ASN B 272 -15.13 -18.35 -20.41
N PRO B 273 -14.21 -19.28 -20.69
CA PRO B 273 -14.08 -19.76 -22.06
C PRO B 273 -15.45 -20.26 -22.55
N ILE B 274 -15.54 -20.44 -23.87
CA ILE B 274 -16.84 -20.67 -24.56
C ILE B 274 -17.44 -22.02 -24.17
N ASP B 275 -16.66 -22.99 -23.73
CA ASP B 275 -17.14 -24.35 -23.40
C ASP B 275 -17.49 -24.48 -21.91
N THR B 276 -17.51 -23.40 -21.15
CA THR B 276 -17.86 -23.49 -19.72
C THR B 276 -19.29 -24.03 -19.58
N LEU B 277 -19.53 -24.88 -18.59
CA LEU B 277 -20.89 -25.42 -18.28
C LEU B 277 -21.48 -24.71 -17.05
N ALA B 278 -20.75 -23.79 -16.43
CA ALA B 278 -21.25 -23.03 -15.25
C ALA B 278 -20.28 -21.86 -15.06
N SER B 279 -20.72 -20.68 -15.46
CA SER B 279 -19.86 -19.48 -15.47
C SER B 279 -19.35 -19.20 -14.07
N ARG B 280 -18.14 -18.66 -13.99
CA ARG B 280 -17.64 -18.14 -12.71
C ARG B 280 -17.68 -16.61 -12.76
N THR B 281 -17.76 -16.08 -11.56
CA THR B 281 -17.82 -14.64 -11.32
C THR B 281 -16.50 -14.21 -10.68
N LEU B 282 -16.00 -13.06 -11.08
CA LEU B 282 -14.87 -12.41 -10.38
C LEU B 282 -15.48 -11.48 -9.32
N TYR B 283 -15.06 -11.62 -8.08
CA TYR B 283 -15.52 -10.77 -6.97
C TYR B 283 -14.40 -9.82 -6.57
N ARG B 284 -14.78 -8.78 -5.84
CA ARG B 284 -13.77 -7.88 -5.26
C ARG B 284 -14.24 -7.46 -3.90
N ALA B 285 -13.26 -7.17 -3.08
CA ALA B 285 -13.48 -6.84 -1.66
C ALA B 285 -12.94 -5.43 -1.45
N THR B 286 -13.54 -4.70 -0.50
CA THR B 286 -12.94 -3.45 0.04
C THR B 286 -13.35 -3.27 1.52
N ALA B 287 -12.73 -2.32 2.17
CA ALA B 287 -12.82 -2.21 3.64
C ALA B 287 -14.21 -1.72 4.00
N ARG B 288 -14.74 -2.25 5.12
CA ARG B 288 -15.83 -1.63 5.93
C ARG B 288 -15.51 -0.13 6.02
N GLY B 289 -16.03 0.68 5.06
CA GLY B 289 -15.78 2.13 4.87
C GLY B 289 -16.84 2.81 3.98
C1 NAG C . 20.66 -8.95 -0.41
C2 NAG C . 21.77 -8.00 0.04
C3 NAG C . 22.71 -7.73 -1.09
C4 NAG C . 23.22 -9.06 -1.68
C5 NAG C . 22.07 -10.02 -2.05
C6 NAG C . 22.52 -11.41 -2.50
C7 NAG C . 21.05 -6.50 1.85
C8 NAG C . 20.48 -5.16 2.24
N2 NAG C . 21.22 -6.74 0.54
O3 NAG C . 23.72 -6.92 -0.51
O4 NAG C . 23.96 -8.79 -2.87
O5 NAG C . 21.15 -10.20 -0.97
O6 NAG C . 21.42 -12.16 -3.06
O7 NAG C . 21.29 -7.30 2.75
C1 NAG C . 25.39 -8.86 -2.65
C2 NAG C . 26.11 -9.20 -3.97
C3 NAG C . 27.65 -9.26 -3.77
C4 NAG C . 28.15 -8.26 -2.74
C5 NAG C . 27.14 -7.11 -2.47
C6 NAG C . 27.01 -6.14 -3.65
C7 NAG C . 24.74 -10.29 -5.67
C8 NAG C . 24.32 -11.57 -6.32
N2 NAG C . 25.55 -10.40 -4.60
O3 NAG C . 28.33 -8.95 -4.99
O4 NAG C . 28.44 -8.96 -1.54
O5 NAG C . 25.81 -7.58 -2.17
O6 NAG C . 27.18 -4.81 -3.16
O7 NAG C . 24.38 -9.22 -6.12
ZN ZN D . -0.26 20.45 6.33
C1 NAG E . -7.11 12.52 -15.18
C2 NAG E . -8.20 12.13 -16.16
C3 NAG E . -7.63 10.93 -16.86
C4 NAG E . -6.34 11.28 -17.56
C5 NAG E . -5.27 11.65 -16.56
C6 NAG E . -3.91 11.96 -17.23
C7 NAG E . -10.37 12.61 -15.13
C8 NAG E . -11.53 11.99 -14.41
N2 NAG E . -9.44 11.76 -15.51
O3 NAG E . -8.59 10.40 -17.74
O4 NAG E . -5.90 10.13 -18.25
O5 NAG E . -5.80 12.71 -15.71
O6 NAG E . -4.00 12.70 -18.47
O7 NAG E . -10.26 13.81 -15.33
C1 NAG F . -25.86 14.80 5.87
C2 NAG F . -25.91 15.40 7.27
C3 NAG F . -27.28 16.02 7.59
C4 NAG F . -27.73 16.99 6.50
C5 NAG F . -27.63 16.25 5.16
C6 NAG F . -28.08 17.14 4.02
C7 NAG F . -24.59 14.50 9.23
C8 NAG F . -23.90 15.80 9.39
N2 NAG F . -25.54 14.40 8.27
O3 NAG F . -27.07 16.73 8.82
O4 NAG F . -29.01 17.64 6.82
O5 NAG F . -26.26 15.77 4.89
O6 NAG F . -27.03 18.03 3.63
O7 NAG F . -24.25 13.58 10.01
C1 NAG G . -6.85 7.85 -19.16
C2 NAG G . -5.52 7.90 -19.91
C3 NAG G . -5.58 8.96 -21.02
C4 NAG G . -6.87 8.80 -21.80
C5 NAG G . -8.08 9.07 -20.91
C6 NAG G . -9.22 8.12 -21.29
C7 NAG G . -3.19 7.60 -19.14
C8 NAG G . -2.93 6.53 -20.19
N2 NAG G . -4.39 8.18 -19.05
O3 NAG G . -4.48 8.76 -21.91
O4 NAG G . -6.88 9.67 -22.92
O5 NAG G . -7.72 8.94 -19.52
O6 NAG G . -10.48 8.78 -21.13
O7 NAG G . -2.30 7.95 -18.39
N1 TKQ H . -7.58 26.14 9.33
C7 TKQ H . -6.43 25.65 10.08
C8 TKQ H . -5.15 25.68 9.25
N2 TKQ H . -0.11 21.52 7.94
C9 TKQ H . -4.18 24.51 9.37
O1 TKQ H . -1.92 19.96 8.50
C1 TKQ H . -10.31 26.37 7.48
C5 TKQ H . -12.38 26.64 8.67
C6 TKQ H . -11.00 26.65 8.65
C4 TKQ H . -13.07 26.40 7.50
C3 TKQ H . -12.40 26.23 6.30
C2 TKQ H . -11.02 26.22 6.29
O2 TKQ H . -0.50 20.95 10.28
S TKQ H . -1.19 21.07 9.04
C12 TKQ H . -2.35 22.40 9.22
C11 TKQ H . -1.89 23.70 9.32
C10 TKQ H . -2.80 24.75 9.42
C13 TKQ H . -3.72 22.13 9.23
C14 TKQ H . -4.62 23.19 9.29
C TKQ H . -8.38 25.30 8.60
O TKQ H . -8.52 24.11 8.89
N TKQ H . -9.00 25.86 7.52
I TKQ H . -15.16 26.11 7.58
ZN ZN I . 2.64 -19.25 -8.71
C1 NAG J . 2.62 -24.96 17.00
C2 NAG J . 1.85 -26.20 16.49
C3 NAG J . 1.84 -27.29 17.56
C4 NAG J . 3.26 -27.86 17.61
C5 NAG J . 4.16 -26.67 18.06
C6 NAG J . 5.64 -27.07 18.06
C7 NAG J . -0.45 -25.27 16.11
C8 NAG J . -0.43 -24.58 17.49
N2 NAG J . 0.56 -26.01 15.79
O3 NAG J . 0.92 -28.24 17.10
O4 NAG J . 3.35 -29.13 18.37
O5 NAG J . 3.99 -25.43 17.24
O6 NAG J . 6.04 -27.26 16.69
O7 NAG J . -1.33 -25.20 15.24
C1 NAG K . 19.05 -29.51 0.17
C2 NAG K . 18.18 -30.79 0.31
C3 NAG K . 18.84 -31.84 1.24
C4 NAG K . 20.25 -32.17 0.73
C5 NAG K . 21.11 -30.90 0.92
C6 NAG K . 22.61 -31.09 0.57
C7 NAG K . 15.68 -30.63 0.07
C8 NAG K . 14.47 -29.91 0.61
N2 NAG K . 16.82 -30.38 0.72
O3 NAG K . 18.06 -33.04 1.31
O4 NAG K . 20.78 -33.37 1.37
O5 NAG K . 20.51 -29.75 0.24
O6 NAG K . 23.01 -30.71 -0.76
O7 NAG K . 15.59 -31.33 -0.93
C1 GOL L . 2.50 0.98 -1.60
O1 GOL L . 2.77 1.49 -0.29
C2 GOL L . 1.04 0.75 -1.73
O2 GOL L . 0.75 0.11 -2.99
C3 GOL L . 0.60 0.05 -0.46
O3 GOL L . -0.77 -0.32 -0.43
N1 TKQ M . 2.96 -27.64 -5.06
C7 TKQ M . 1.66 -27.56 -5.68
C8 TKQ M . 1.81 -27.08 -7.10
N2 TKQ M . 1.75 -20.72 -9.33
C9 TKQ M . 1.69 -25.58 -7.34
O1 TKQ M . -0.61 -21.31 -9.13
C1 TKQ M . 4.00 -29.63 -2.26
C5 TKQ M . 4.10 -31.79 -1.21
C6 TKQ M . 4.01 -31.02 -2.34
C4 TKQ M . 4.21 -31.16 0.03
C3 TKQ M . 4.36 -29.78 0.11
C2 TKQ M . 4.26 -29.02 -1.04
O2 TKQ M . 0.58 -20.51 -7.13
S TKQ M . 0.57 -21.27 -8.36
C12 TKQ M . 1.00 -22.94 -7.93
C11 TKQ M . 1.37 -23.80 -8.95
C10 TKQ M . 1.71 -25.11 -8.65
C13 TKQ M . 0.99 -23.36 -6.61
C14 TKQ M . 1.36 -24.68 -6.32
C TKQ M . 3.13 -27.74 -3.75
O TKQ M . 2.93 -26.80 -2.97
N TKQ M . 3.42 -29.04 -3.40
I TKQ M . 3.87 -32.29 1.75
#